data_1HK7
#
_entry.id   1HK7
#
_cell.length_a   112.879
_cell.length_b   112.879
_cell.length_c   112.059
_cell.angle_alpha   90.00
_cell.angle_beta   90.00
_cell.angle_gamma   120.00
#
_symmetry.space_group_name_H-M   'P 61'
#
loop_
_entity.id
_entity.type
_entity.pdbx_description
1 polymer 'HEAT SHOCK PROTEIN HSP82'
2 non-polymer 'CADMIUM ION'
3 non-polymer 'MAGNESIUM ION'
4 water water
#
_entity_poly.entity_id   1
_entity_poly.type   'polypeptide(L)'
_entity_poly.pdbx_seq_one_letter_code
;TKPLWTRNPSDITQEEYNAFYKSISNDWEDPLYVKHFSVEGQLEFRAILFIPKRAPFDLFESKKKKNNIKLYVRRVFITD
EAEDLIPEWLSFVKGVVDSEDLPLNLSREMLQQNKIMKVIRKNIVKKLIEAFNEIAEDSEQFEKFYSAFSKNIKLGVHED
TQNRAALAKLLRYNSTKSVDELTSLTDYVTRMPEHQKNIYYITGESLKAVEKSPFLDALKAKNFEVLFLTDPIDEYAFTQ
LKEFEGKTLVDITKDFELEETDEEKAEREKEIKEYEPLTKALKEILGD
;
_entity_poly.pdbx_strand_id   A,B
#
loop_
_chem_comp.id
_chem_comp.type
_chem_comp.name
_chem_comp.formula
CD non-polymer 'CADMIUM ION' 'Cd 2'
MG non-polymer 'MAGNESIUM ION' 'Mg 2'
#
# COMPACT_ATOMS: atom_id res chain seq x y z
N THR A 1 33.01 11.41 9.56
CA THR A 1 32.89 12.89 9.57
C THR A 1 32.03 13.40 8.40
N LYS A 2 31.37 12.46 7.73
CA LYS A 2 30.50 12.80 6.59
C LYS A 2 29.05 12.67 7.05
N PRO A 3 28.23 13.71 6.83
CA PRO A 3 26.82 13.74 7.21
C PRO A 3 26.09 12.41 6.98
N LEU A 4 25.65 11.81 8.07
CA LEU A 4 24.95 10.53 8.03
C LEU A 4 23.98 10.37 6.88
N TRP A 5 23.19 11.40 6.62
CA TRP A 5 22.20 11.32 5.57
C TRP A 5 22.77 11.21 4.17
N THR A 6 24.02 11.63 3.99
CA THR A 6 24.65 11.55 2.67
C THR A 6 25.13 10.12 2.38
N ARG A 7 25.11 9.28 3.42
CA ARG A 7 25.53 7.88 3.30
C ARG A 7 24.36 7.04 2.82
N ASN A 8 24.63 5.89 2.20
CA ASN A 8 23.55 5.04 1.73
C ASN A 8 22.97 4.25 2.88
N PRO A 9 21.64 4.15 2.93
CA PRO A 9 20.91 3.43 3.98
C PRO A 9 21.52 2.06 4.28
N SER A 10 22.12 1.46 3.26
CA SER A 10 22.73 0.14 3.38
C SER A 10 23.97 0.13 4.29
N ASP A 11 24.77 1.19 4.22
CA ASP A 11 25.98 1.29 5.03
C ASP A 11 25.71 1.75 6.48
N ILE A 12 24.52 2.26 6.74
CA ILE A 12 24.17 2.73 8.08
C ILE A 12 23.46 1.67 8.90
N THR A 13 23.89 1.53 10.15
CA THR A 13 23.29 0.55 11.04
C THR A 13 22.37 1.25 12.02
N GLN A 14 21.59 0.46 12.74
CA GLN A 14 20.72 1.04 13.75
C GLN A 14 21.69 1.50 14.81
N GLU A 15 21.19 2.18 15.83
CA GLU A 15 22.06 2.69 16.89
C GLU A 15 22.81 3.88 16.31
N GLU A 16 23.18 3.80 15.04
CA GLU A 16 23.84 4.91 14.38
C GLU A 16 22.69 5.87 14.09
N TYR A 17 21.56 5.31 13.70
CA TYR A 17 20.36 6.08 13.43
C TYR A 17 19.80 6.50 14.79
N ASN A 18 19.87 5.59 15.77
CA ASN A 18 19.37 5.89 17.10
C ASN A 18 20.15 7.05 17.73
N ALA A 19 21.47 6.93 17.78
CA ALA A 19 22.28 7.98 18.34
C ALA A 19 21.97 9.31 17.65
N PHE A 20 21.96 9.29 16.32
CA PHE A 20 21.69 10.49 15.56
C PHE A 20 20.33 11.05 15.90
N TYR A 21 19.39 10.16 16.22
CA TYR A 21 18.04 10.60 16.57
C TYR A 21 18.07 11.33 17.91
N LYS A 22 18.76 10.74 18.88
CA LYS A 22 18.88 11.34 20.20
C LYS A 22 19.47 12.73 20.02
N SER A 23 20.48 12.82 19.17
CA SER A 23 21.16 14.06 18.89
C SER A 23 20.29 15.20 18.38
N ILE A 24 19.03 14.93 18.04
CA ILE A 24 18.21 16.00 17.50
C ILE A 24 16.79 16.07 18.02
N SER A 25 16.38 15.06 18.78
CA SER A 25 15.00 14.99 19.24
C SER A 25 14.66 15.38 20.68
N ASN A 26 15.65 15.59 21.53
CA ASN A 26 15.36 15.91 22.92
C ASN A 26 14.60 14.71 23.47
N ASP A 27 14.86 13.56 22.87
CA ASP A 27 14.22 12.32 23.27
C ASP A 27 15.30 11.32 23.64
N TRP A 28 15.05 10.54 24.68
CA TRP A 28 15.98 9.54 25.18
C TRP A 28 15.82 8.17 24.50
N GLU A 29 14.60 7.86 24.08
CA GLU A 29 14.30 6.58 23.44
C GLU A 29 14.71 6.54 21.97
N ASP A 30 14.92 5.33 21.46
CA ASP A 30 15.29 5.16 20.06
C ASP A 30 14.02 5.47 19.24
N PRO A 31 14.18 5.90 17.99
CA PRO A 31 12.99 6.20 17.18
C PRO A 31 12.18 4.93 16.91
N LEU A 32 10.88 5.08 16.70
CA LEU A 32 10.03 3.93 16.42
C LEU A 32 10.36 3.42 15.03
N TYR A 33 10.51 4.36 14.08
CA TYR A 33 10.84 4.00 12.72
C TYR A 33 11.73 5.07 12.10
N VAL A 34 12.60 4.66 11.18
CA VAL A 34 13.49 5.60 10.52
C VAL A 34 13.33 5.51 9.02
N LYS A 35 13.02 6.65 8.40
CA LYS A 35 12.82 6.70 6.97
C LYS A 35 13.91 7.54 6.32
N HIS A 36 14.91 6.85 5.78
CA HIS A 36 16.04 7.49 5.12
C HIS A 36 15.86 7.28 3.62
N PHE A 37 15.84 8.39 2.87
CA PHE A 37 15.66 8.28 1.43
C PHE A 37 16.29 9.43 0.64
N SER A 38 16.29 9.27 -0.68
CA SER A 38 16.82 10.31 -1.56
C SER A 38 15.86 10.47 -2.73
N VAL A 39 15.80 11.68 -3.25
CA VAL A 39 14.93 11.97 -4.37
C VAL A 39 15.80 12.49 -5.50
N GLU A 40 15.51 12.04 -6.73
CA GLU A 40 16.29 12.47 -7.88
C GLU A 40 15.38 12.86 -9.04
N GLY A 41 15.91 13.61 -9.99
CA GLY A 41 15.11 14.06 -11.12
C GLY A 41 15.20 15.56 -11.24
N GLN A 42 14.06 16.23 -11.41
CA GLN A 42 14.06 17.70 -11.52
C GLN A 42 14.71 18.29 -10.28
N LEU A 43 14.34 17.76 -9.11
CA LEU A 43 14.90 18.20 -7.85
C LEU A 43 15.65 17.07 -7.18
N GLU A 44 16.73 17.41 -6.48
CA GLU A 44 17.55 16.42 -5.80
C GLU A 44 17.76 16.79 -4.34
N PHE A 45 17.56 15.82 -3.45
CA PHE A 45 17.74 16.06 -2.02
C PHE A 45 17.68 14.77 -1.24
N ARG A 46 18.34 14.74 -0.10
CA ARG A 46 18.34 13.55 0.75
C ARG A 46 17.62 13.90 2.07
N ALA A 47 17.17 12.88 2.78
CA ALA A 47 16.49 13.11 4.05
C ALA A 47 16.45 11.90 4.94
N ILE A 48 16.49 12.16 6.24
CA ILE A 48 16.37 11.13 7.23
C ILE A 48 15.27 11.67 8.14
N LEU A 49 14.17 10.95 8.22
CA LEU A 49 13.05 11.35 9.03
C LEU A 49 12.82 10.26 10.04
N PHE A 50 12.32 10.63 11.20
CA PHE A 50 12.08 9.69 12.27
C PHE A 50 10.66 9.81 12.79
N ILE A 51 10.10 8.70 13.26
CA ILE A 51 8.76 8.69 13.86
C ILE A 51 9.07 8.31 15.32
N PRO A 52 8.73 9.19 16.27
CA PRO A 52 9.01 8.86 17.66
C PRO A 52 8.16 7.69 18.13
N LYS A 53 8.64 6.97 19.14
CA LYS A 53 7.90 5.84 19.70
C LYS A 53 6.72 6.35 20.50
N ARG A 54 6.79 7.63 20.88
CA ARG A 54 5.73 8.23 21.67
C ARG A 54 5.56 9.70 21.33
N ALA A 55 4.31 10.16 21.37
CA ALA A 55 3.98 11.54 21.07
C ALA A 55 4.60 12.43 22.12
N PRO A 56 5.43 13.40 21.71
CA PRO A 56 6.06 14.28 22.68
C PRO A 56 5.06 15.09 23.50
N PHE A 57 5.54 15.54 24.65
CA PHE A 57 4.79 16.34 25.62
C PHE A 57 4.13 17.57 24.98
N ASP A 58 4.95 18.44 24.39
CA ASP A 58 4.47 19.65 23.72
C ASP A 58 3.32 20.33 24.46
N LEU A 59 3.56 20.69 25.72
CA LEU A 59 2.56 21.36 26.53
C LEU A 59 3.02 22.75 26.95
N PHE A 60 3.89 23.36 26.15
CA PHE A 60 4.41 24.68 26.49
C PHE A 60 3.58 25.83 25.93
N GLU A 61 3.11 25.71 24.71
CA GLU A 61 2.33 26.78 24.11
C GLU A 61 0.92 26.36 23.74
N SER A 62 0.16 27.31 23.18
CA SER A 62 -1.20 27.07 22.75
C SER A 62 -1.19 26.24 21.47
N LYS A 63 -0.35 26.62 20.52
CA LYS A 63 -0.23 25.91 19.25
C LYS A 63 0.59 24.62 19.46
N LYS A 64 1.22 24.14 18.40
CA LYS A 64 2.01 22.91 18.51
C LYS A 64 3.06 22.82 17.40
N LYS A 65 2.60 22.97 16.17
CA LYS A 65 3.46 22.89 14.98
C LYS A 65 4.74 23.71 15.07
N LYS A 66 5.78 23.09 15.59
CA LYS A 66 7.09 23.72 15.70
C LYS A 66 8.05 22.68 15.17
N ASN A 67 7.76 22.18 13.98
CA ASN A 67 8.59 21.16 13.36
C ASN A 67 10.06 21.56 13.29
N ASN A 68 10.88 20.88 14.10
CA ASN A 68 12.31 21.15 14.12
C ASN A 68 13.09 20.24 13.18
N ILE A 69 12.65 20.15 11.93
CA ILE A 69 13.39 19.35 10.97
C ILE A 69 14.48 20.27 10.47
N LYS A 70 15.74 19.84 10.60
CA LYS A 70 16.85 20.67 10.15
C LYS A 70 16.89 20.73 8.63
N LEU A 71 16.92 21.95 8.09
CA LEU A 71 16.96 22.15 6.65
C LEU A 71 18.34 22.54 6.16
N TYR A 72 18.96 21.64 5.40
CA TYR A 72 20.30 21.87 4.84
C TYR A 72 20.20 22.04 3.32
N VAL A 73 21.16 22.76 2.75
CA VAL A 73 21.24 22.96 1.31
C VAL A 73 22.68 22.72 0.88
N ARG A 74 22.94 21.51 0.43
CA ARG A 74 24.26 21.09 0.01
C ARG A 74 25.17 21.03 1.22
N ARG A 75 24.68 20.34 2.24
CA ARG A 75 25.40 20.11 3.49
C ARG A 75 25.59 21.30 4.42
N VAL A 76 25.09 22.48 4.05
CA VAL A 76 25.22 23.63 4.93
C VAL A 76 23.89 23.93 5.60
N PHE A 77 23.89 23.93 6.92
CA PHE A 77 22.67 24.19 7.66
C PHE A 77 22.03 25.51 7.21
N ILE A 78 20.71 25.60 7.30
CA ILE A 78 20.00 26.82 6.91
C ILE A 78 19.02 27.24 7.99
N THR A 79 18.20 26.30 8.42
CA THR A 79 17.20 26.56 9.44
C THR A 79 16.51 25.27 9.90
N ASP A 80 16.09 25.28 11.16
CA ASP A 80 15.41 24.14 11.73
C ASP A 80 13.99 24.62 12.02
N GLU A 81 13.64 25.73 11.39
CA GLU A 81 12.32 26.29 11.56
C GLU A 81 11.75 26.66 10.19
N ALA A 82 11.91 25.75 9.24
CA ALA A 82 11.42 25.96 7.88
C ALA A 82 9.90 26.01 7.88
N GLU A 83 9.33 26.51 6.79
CA GLU A 83 7.89 26.63 6.67
C GLU A 83 7.37 25.97 5.41
N ASP A 84 6.22 25.30 5.54
CA ASP A 84 5.57 24.62 4.44
C ASP A 84 6.42 23.47 3.91
N LEU A 85 7.35 23.01 4.75
CA LEU A 85 8.23 21.90 4.40
C LEU A 85 7.49 20.58 4.63
N ILE A 86 6.61 20.58 5.62
CA ILE A 86 5.85 19.41 5.98
C ILE A 86 4.52 19.85 6.60
N PRO A 87 3.43 19.15 6.28
CA PRO A 87 2.11 19.48 6.82
C PRO A 87 2.00 19.52 8.35
N GLU A 88 1.12 20.39 8.83
CA GLU A 88 0.91 20.56 10.26
C GLU A 88 0.56 19.28 11.02
N TRP A 89 -0.28 18.42 10.46
CA TRP A 89 -0.61 17.16 11.17
C TRP A 89 0.58 16.21 11.30
N LEU A 90 1.68 16.49 10.59
CA LEU A 90 2.87 15.66 10.63
C LEU A 90 4.05 16.28 11.40
N SER A 91 3.80 17.41 12.06
CA SER A 91 4.83 18.12 12.81
C SER A 91 5.60 17.24 13.79
N PHE A 92 5.00 16.12 14.19
CA PHE A 92 5.70 15.24 15.13
C PHE A 92 6.93 14.58 14.51
N VAL A 93 7.07 14.68 13.19
CA VAL A 93 8.24 14.06 12.56
C VAL A 93 9.52 14.85 12.87
N LYS A 94 10.59 14.13 13.15
CA LYS A 94 11.90 14.70 13.46
C LYS A 94 12.89 14.29 12.38
N GLY A 95 14.00 15.01 12.22
CA GLY A 95 14.98 14.63 11.19
C GLY A 95 15.69 15.73 10.41
N VAL A 96 16.23 15.33 9.25
CA VAL A 96 16.98 16.26 8.38
C VAL A 96 16.68 16.20 6.88
N VAL A 97 16.62 17.36 6.23
CA VAL A 97 16.38 17.44 4.80
C VAL A 97 17.51 18.23 4.16
N ASP A 98 18.28 17.58 3.29
CA ASP A 98 19.39 18.23 2.63
C ASP A 98 19.13 18.37 1.13
N SER A 99 18.85 19.60 0.72
CA SER A 99 18.54 19.93 -0.67
C SER A 99 19.74 20.38 -1.50
N GLU A 100 19.73 20.04 -2.78
CA GLU A 100 20.80 20.40 -3.71
C GLU A 100 20.61 21.84 -4.19
N ASP A 101 19.37 22.21 -4.49
CA ASP A 101 19.07 23.54 -4.96
C ASP A 101 18.39 24.34 -3.85
N LEU A 102 18.74 25.61 -3.76
CA LEU A 102 18.22 26.52 -2.76
C LEU A 102 16.69 26.57 -2.63
N PRO A 103 16.14 26.15 -1.45
CA PRO A 103 14.70 26.14 -1.15
C PRO A 103 14.21 27.58 -1.29
N LEU A 104 15.18 28.42 -1.63
CA LEU A 104 15.10 29.84 -1.95
C LEU A 104 14.61 31.06 -1.17
N ASN A 105 15.35 32.13 -1.45
CA ASN A 105 15.21 33.51 -0.95
C ASN A 105 16.61 34.13 -0.87
N GLN A 113 6.78 31.79 -0.27
CA GLN A 113 6.27 30.43 -0.45
C GLN A 113 7.27 29.51 -1.18
N ASN A 114 7.73 29.95 -2.35
CA ASN A 114 8.69 29.21 -3.15
C ASN A 114 8.16 27.87 -3.66
N LYS A 115 8.39 27.62 -4.95
CA LYS A 115 7.94 26.39 -5.60
C LYS A 115 8.74 25.16 -5.16
N ILE A 116 10.07 25.29 -5.20
CA ILE A 116 10.96 24.19 -4.82
C ILE A 116 10.59 23.59 -3.48
N MET A 117 10.19 24.44 -2.54
CA MET A 117 9.81 23.97 -1.23
C MET A 117 8.60 23.05 -1.31
N LYS A 118 7.65 23.40 -2.16
CA LYS A 118 6.43 22.62 -2.32
C LYS A 118 6.67 21.21 -2.83
N VAL A 119 7.61 21.05 -3.76
CA VAL A 119 7.89 19.71 -4.29
C VAL A 119 8.64 18.86 -3.26
N ILE A 120 9.29 19.52 -2.30
CA ILE A 120 10.00 18.78 -1.27
C ILE A 120 8.92 18.28 -0.32
N ARG A 121 8.00 19.17 0.04
CA ARG A 121 6.92 18.84 0.92
C ARG A 121 6.10 17.68 0.37
N LYS A 122 5.92 17.68 -0.94
CA LYS A 122 5.13 16.64 -1.60
C LYS A 122 5.83 15.27 -1.49
N ASN A 123 7.13 15.25 -1.77
CA ASN A 123 7.90 14.02 -1.67
C ASN A 123 7.93 13.48 -0.22
N ILE A 124 8.06 14.38 0.75
CA ILE A 124 8.11 13.98 2.15
C ILE A 124 6.79 13.30 2.58
N VAL A 125 5.67 13.91 2.26
CA VAL A 125 4.36 13.35 2.58
C VAL A 125 4.24 11.94 1.96
N LYS A 126 4.67 11.83 0.70
CA LYS A 126 4.63 10.57 -0.03
C LYS A 126 5.49 9.50 0.64
N LYS A 127 6.65 9.92 1.16
CA LYS A 127 7.58 9.02 1.81
C LYS A 127 7.14 8.58 3.19
N LEU A 128 6.49 9.50 3.91
CA LEU A 128 6.00 9.22 5.25
C LEU A 128 4.78 8.28 5.22
N ILE A 129 3.92 8.44 4.22
CA ILE A 129 2.76 7.56 4.06
C ILE A 129 3.38 6.18 3.81
N GLU A 130 4.43 6.19 3.01
CA GLU A 130 5.15 4.99 2.67
C GLU A 130 5.68 4.37 3.97
N ALA A 131 6.14 5.22 4.90
CA ALA A 131 6.64 4.71 6.18
C ALA A 131 5.51 4.19 7.07
N PHE A 132 4.35 4.82 7.02
CA PHE A 132 3.25 4.36 7.86
C PHE A 132 2.78 2.99 7.40
N ASN A 133 2.60 2.81 6.09
CA ASN A 133 2.15 1.51 5.55
C ASN A 133 3.17 0.43 5.96
N GLU A 134 4.44 0.83 6.12
CA GLU A 134 5.47 -0.09 6.51
C GLU A 134 5.34 -0.51 7.97
N ILE A 135 5.05 0.47 8.83
CA ILE A 135 4.87 0.21 10.24
C ILE A 135 3.61 -0.64 10.41
N ALA A 136 2.70 -0.51 9.46
CA ALA A 136 1.46 -1.26 9.51
C ALA A 136 1.65 -2.78 9.30
N GLU A 137 2.80 -3.16 8.74
CA GLU A 137 3.11 -4.58 8.49
C GLU A 137 3.24 -5.37 9.79
N ASP A 138 3.49 -4.65 10.87
CA ASP A 138 3.64 -5.24 12.20
C ASP A 138 2.52 -4.63 13.04
N SER A 139 1.37 -5.29 13.04
CA SER A 139 0.18 -4.83 13.77
C SER A 139 0.48 -4.47 15.23
N GLU A 140 1.52 -5.07 15.79
CA GLU A 140 1.88 -4.80 17.16
C GLU A 140 2.63 -3.47 17.30
N GLN A 141 3.61 -3.26 16.45
CA GLN A 141 4.36 -2.01 16.49
C GLN A 141 3.48 -0.88 15.95
N PHE A 142 2.45 -1.26 15.21
CA PHE A 142 1.56 -0.27 14.63
C PHE A 142 0.58 0.23 15.66
N GLU A 143 0.24 -0.62 16.63
CA GLU A 143 -0.67 -0.25 17.70
C GLU A 143 0.04 0.84 18.50
N LYS A 144 1.31 0.60 18.76
CA LYS A 144 2.14 1.54 19.50
C LYS A 144 2.05 2.90 18.79
N PHE A 145 2.24 2.89 17.47
CA PHE A 145 2.19 4.11 16.65
C PHE A 145 0.81 4.75 16.64
N TYR A 146 -0.22 3.92 16.67
CA TYR A 146 -1.59 4.42 16.63
C TYR A 146 -1.96 5.06 17.96
N SER A 147 -1.54 4.42 19.05
CA SER A 147 -1.81 4.96 20.39
C SER A 147 -1.22 6.36 20.48
N ALA A 148 -0.08 6.55 19.83
CA ALA A 148 0.62 7.83 19.84
C ALA A 148 0.14 8.84 18.81
N PHE A 149 -0.03 8.43 17.56
CA PHE A 149 -0.41 9.41 16.57
C PHE A 149 -1.69 9.17 15.79
N SER A 150 -2.63 8.43 16.36
CA SER A 150 -3.88 8.20 15.66
C SER A 150 -4.54 9.55 15.39
N LYS A 151 -4.29 10.52 16.26
CA LYS A 151 -4.89 11.85 16.09
C LYS A 151 -4.31 12.57 14.87
N ASN A 152 -3.02 12.43 14.63
CA ASN A 152 -2.40 13.07 13.47
C ASN A 152 -2.88 12.40 12.20
N ILE A 153 -3.14 11.10 12.28
CA ILE A 153 -3.61 10.39 11.11
C ILE A 153 -4.99 10.90 10.74
N LYS A 154 -5.93 10.88 11.69
CA LYS A 154 -7.29 11.37 11.48
C LYS A 154 -7.25 12.80 10.94
N LEU A 155 -6.32 13.59 11.47
CA LEU A 155 -6.17 14.97 11.03
C LEU A 155 -5.76 15.00 9.57
N GLY A 156 -4.89 14.06 9.18
CA GLY A 156 -4.44 14.00 7.80
C GLY A 156 -5.56 13.60 6.86
N VAL A 157 -6.40 12.66 7.31
CA VAL A 157 -7.50 12.22 6.48
C VAL A 157 -8.43 13.40 6.26
N HIS A 158 -8.55 14.24 7.28
CA HIS A 158 -9.40 15.41 7.20
C HIS A 158 -8.79 16.58 6.38
N GLU A 159 -7.51 16.83 6.51
CA GLU A 159 -6.87 17.94 5.81
C GLU A 159 -6.36 17.63 4.42
N ASP A 160 -5.94 16.38 4.23
CA ASP A 160 -5.36 15.95 2.98
C ASP A 160 -6.36 15.28 2.03
N THR A 161 -6.90 16.04 1.10
CA THR A 161 -7.88 15.47 0.18
C THR A 161 -7.22 14.60 -0.90
N GLN A 162 -6.00 14.95 -1.30
CA GLN A 162 -5.28 14.22 -2.33
C GLN A 162 -4.69 12.89 -1.84
N ASN A 163 -4.42 12.81 -0.54
CA ASN A 163 -3.85 11.59 0.03
C ASN A 163 -4.83 10.90 0.96
N ARG A 164 -6.05 11.43 1.01
CA ARG A 164 -7.11 10.90 1.87
C ARG A 164 -7.25 9.38 1.80
N ALA A 165 -7.61 8.87 0.63
CA ALA A 165 -7.79 7.42 0.41
C ALA A 165 -6.66 6.60 0.99
N ALA A 166 -5.45 7.04 0.72
CA ALA A 166 -4.27 6.36 1.22
C ALA A 166 -4.21 6.46 2.73
N LEU A 167 -4.39 7.67 3.28
CA LEU A 167 -4.31 7.83 4.72
C LEU A 167 -5.44 7.07 5.42
N ALA A 168 -6.61 7.04 4.79
CA ALA A 168 -7.76 6.33 5.34
C ALA A 168 -7.42 4.87 5.57
N LYS A 169 -6.45 4.38 4.80
CA LYS A 169 -6.02 3.00 4.93
C LYS A 169 -5.27 2.84 6.27
N LEU A 170 -5.03 3.94 6.96
CA LEU A 170 -4.31 3.88 8.24
C LEU A 170 -5.24 3.97 9.46
N LEU A 171 -6.50 4.37 9.22
CA LEU A 171 -7.45 4.47 10.33
C LEU A 171 -7.65 3.10 10.95
N ARG A 172 -8.07 3.09 12.21
CA ARG A 172 -8.26 1.84 12.92
C ARG A 172 -9.43 1.98 13.90
N TYR A 173 -10.27 0.95 13.98
CA TYR A 173 -11.44 0.98 14.84
C TYR A 173 -11.82 -0.40 15.34
N ASN A 174 -12.66 -0.42 16.36
CA ASN A 174 -13.19 -1.66 16.93
C ASN A 174 -14.50 -1.90 16.21
N SER A 175 -14.95 -3.15 16.20
CA SER A 175 -16.19 -3.46 15.53
C SER A 175 -16.92 -4.58 16.23
N THR A 176 -18.01 -5.02 15.61
CA THR A 176 -18.79 -6.11 16.17
C THR A 176 -17.96 -7.38 15.99
N LYS A 177 -17.11 -7.39 14.98
CA LYS A 177 -16.26 -8.54 14.70
C LYS A 177 -14.80 -8.27 15.03
N SER A 178 -14.54 -7.14 15.67
CA SER A 178 -13.19 -6.76 16.07
C SER A 178 -13.31 -6.09 17.43
N VAL A 179 -13.50 -6.90 18.47
CA VAL A 179 -13.67 -6.41 19.83
C VAL A 179 -12.42 -6.03 20.60
N ASP A 180 -11.60 -7.00 20.93
CA ASP A 180 -10.37 -6.74 21.66
C ASP A 180 -9.36 -5.99 20.79
N GLU A 181 -9.08 -6.50 19.60
CA GLU A 181 -8.14 -5.85 18.69
C GLU A 181 -8.85 -4.91 17.72
N LEU A 182 -8.10 -3.94 17.20
CA LEU A 182 -8.62 -2.97 16.25
C LEU A 182 -8.54 -3.58 14.86
N THR A 183 -9.25 -2.99 13.90
CA THR A 183 -9.23 -3.49 12.53
C THR A 183 -9.10 -2.34 11.54
N SER A 184 -8.56 -2.62 10.37
CA SER A 184 -8.42 -1.60 9.33
C SER A 184 -9.65 -1.68 8.46
N LEU A 185 -9.88 -0.67 7.64
CA LEU A 185 -11.05 -0.68 6.78
C LEU A 185 -10.87 -1.67 5.63
N THR A 186 -9.61 -2.02 5.33
CA THR A 186 -9.31 -2.97 4.27
C THR A 186 -9.73 -4.37 4.71
N ASP A 187 -9.35 -4.75 5.92
CA ASP A 187 -9.70 -6.06 6.45
C ASP A 187 -11.21 -6.15 6.60
N TYR A 188 -11.85 -5.03 6.95
CA TYR A 188 -13.29 -5.00 7.10
C TYR A 188 -13.93 -5.39 5.78
N VAL A 189 -13.43 -4.77 4.72
CA VAL A 189 -13.90 -5.01 3.36
C VAL A 189 -13.73 -6.49 2.99
N THR A 190 -12.53 -7.01 3.19
CA THR A 190 -12.23 -8.41 2.88
C THR A 190 -13.19 -9.35 3.59
N ARG A 191 -13.57 -9.00 4.82
CA ARG A 191 -14.47 -9.80 5.64
C ARG A 191 -15.93 -9.73 5.22
N MET A 192 -16.28 -8.70 4.47
CA MET A 192 -17.64 -8.55 4.02
C MET A 192 -18.10 -9.67 3.12
N PRO A 193 -19.30 -10.22 3.37
CA PRO A 193 -19.81 -11.30 2.53
C PRO A 193 -20.02 -10.84 1.08
N GLU A 194 -20.28 -11.78 0.20
CA GLU A 194 -20.46 -11.49 -1.23
C GLU A 194 -21.60 -10.51 -1.51
N HIS A 195 -22.72 -10.66 -0.80
CA HIS A 195 -23.88 -9.79 -1.02
C HIS A 195 -23.88 -8.45 -0.29
N GLN A 196 -22.84 -8.17 0.50
CA GLN A 196 -22.76 -6.90 1.22
C GLN A 196 -22.11 -5.86 0.33
N LYS A 197 -22.76 -4.71 0.16
CA LYS A 197 -22.22 -3.66 -0.69
C LYS A 197 -21.75 -2.42 0.07
N ASN A 198 -22.22 -2.26 1.30
CA ASN A 198 -21.86 -1.10 2.13
C ASN A 198 -20.98 -1.44 3.32
N ILE A 199 -20.23 -0.44 3.79
CA ILE A 199 -19.40 -0.58 4.97
C ILE A 199 -20.23 0.09 6.07
N TYR A 200 -20.81 -0.69 6.96
CA TYR A 200 -21.64 -0.10 8.00
C TYR A 200 -20.89 0.25 9.28
N TYR A 201 -21.31 1.36 9.91
CA TYR A 201 -20.71 1.85 11.14
C TYR A 201 -21.72 2.61 12.00
N ILE A 202 -21.34 2.89 13.24
CA ILE A 202 -22.21 3.62 14.15
C ILE A 202 -21.40 4.59 15.02
N THR A 203 -21.92 5.80 15.21
CA THR A 203 -21.24 6.81 16.00
C THR A 203 -21.81 6.91 17.42
N GLY A 204 -20.97 7.31 18.36
CA GLY A 204 -21.41 7.43 19.73
C GLY A 204 -20.39 8.13 20.61
N GLU A 205 -20.81 8.49 21.82
CA GLU A 205 -19.94 9.19 22.78
C GLU A 205 -18.86 8.24 23.30
N SER A 206 -19.23 6.99 23.50
CA SER A 206 -18.29 5.99 23.99
C SER A 206 -18.59 4.61 23.41
N LEU A 207 -17.68 3.67 23.63
CA LEU A 207 -17.84 2.31 23.15
C LEU A 207 -19.05 1.69 23.85
N LYS A 208 -19.07 1.82 25.18
CA LYS A 208 -20.16 1.26 25.99
C LYS A 208 -21.53 1.68 25.46
N ALA A 209 -21.68 2.97 25.19
CA ALA A 209 -22.91 3.54 24.71
C ALA A 209 -23.27 3.12 23.29
N VAL A 210 -22.27 2.68 22.54
CA VAL A 210 -22.52 2.30 21.15
C VAL A 210 -22.62 0.79 20.93
N GLU A 211 -21.99 0.01 21.81
CA GLU A 211 -21.99 -1.45 21.72
C GLU A 211 -23.37 -2.13 21.72
N LYS A 212 -24.32 -1.62 22.50
CA LYS A 212 -25.65 -2.21 22.60
C LYS A 212 -26.78 -1.44 21.92
N SER A 213 -26.45 -0.69 20.87
CA SER A 213 -27.47 0.06 20.15
C SER A 213 -28.41 -0.93 19.48
N PRO A 214 -29.71 -0.64 19.51
CA PRO A 214 -30.68 -1.55 18.89
C PRO A 214 -30.46 -1.59 17.37
N PHE A 215 -29.68 -0.64 16.87
CA PHE A 215 -29.41 -0.56 15.44
C PHE A 215 -28.46 -1.66 14.98
N LEU A 216 -27.87 -2.36 15.94
CA LEU A 216 -26.96 -3.45 15.62
C LEU A 216 -27.66 -4.77 15.35
N ASP A 217 -28.88 -4.91 15.86
CA ASP A 217 -29.66 -6.14 15.69
C ASP A 217 -29.93 -6.49 14.23
N ALA A 218 -30.37 -5.51 13.46
CA ALA A 218 -30.68 -5.71 12.04
C ALA A 218 -29.45 -6.07 11.20
N LEU A 219 -28.27 -5.87 11.78
CA LEU A 219 -27.01 -6.16 11.09
C LEU A 219 -26.39 -7.46 11.59
N LYS A 220 -26.30 -7.62 12.91
CA LYS A 220 -25.73 -8.84 13.50
C LYS A 220 -26.48 -10.08 13.06
N ALA A 221 -27.79 -9.93 12.86
CA ALA A 221 -28.64 -11.03 12.43
C ALA A 221 -28.40 -11.41 10.97
N LYS A 222 -27.90 -10.46 10.20
CA LYS A 222 -27.59 -10.69 8.78
C LYS A 222 -26.09 -10.90 8.66
N ASN A 223 -25.44 -11.07 9.81
CA ASN A 223 -24.00 -11.29 9.93
C ASN A 223 -23.16 -10.25 9.20
N PHE A 224 -23.50 -8.98 9.42
CA PHE A 224 -22.78 -7.87 8.84
C PHE A 224 -21.99 -7.22 9.95
N GLU A 225 -20.71 -7.01 9.72
CA GLU A 225 -19.84 -6.38 10.71
C GLU A 225 -20.15 -4.88 10.74
N VAL A 226 -19.99 -4.28 11.92
CA VAL A 226 -20.24 -2.85 12.07
C VAL A 226 -19.13 -2.18 12.88
N LEU A 227 -18.65 -1.06 12.36
CA LEU A 227 -17.58 -0.29 13.02
C LEU A 227 -18.14 0.60 14.13
N PHE A 228 -17.30 0.91 15.11
CA PHE A 228 -17.68 1.75 16.25
C PHE A 228 -16.86 3.03 16.30
N LEU A 229 -17.45 4.17 15.96
CA LEU A 229 -16.73 5.44 16.01
C LEU A 229 -17.15 6.19 17.28
N THR A 230 -16.18 6.61 18.08
CA THR A 230 -16.46 7.35 19.32
C THR A 230 -15.76 8.70 19.38
N ASP A 231 -15.07 9.07 18.31
CA ASP A 231 -14.35 10.34 18.25
C ASP A 231 -14.97 11.22 17.19
N PRO A 232 -15.29 12.47 17.55
CA PRO A 232 -15.91 13.44 16.63
C PRO A 232 -15.14 13.61 15.31
N ILE A 233 -13.82 13.50 15.38
CA ILE A 233 -12.99 13.63 14.18
C ILE A 233 -13.22 12.44 13.24
N ASP A 234 -13.28 11.23 13.79
CA ASP A 234 -13.53 10.05 12.97
C ASP A 234 -14.89 10.20 12.30
N GLU A 235 -15.88 10.65 13.05
CA GLU A 235 -17.23 10.85 12.51
C GLU A 235 -17.23 11.80 11.34
N TYR A 236 -16.70 12.99 11.56
CA TYR A 236 -16.64 13.98 10.52
C TYR A 236 -15.85 13.46 9.32
N ALA A 237 -14.70 12.85 9.60
CA ALA A 237 -13.82 12.28 8.55
C ALA A 237 -14.57 11.34 7.59
N PHE A 238 -15.44 10.50 8.16
CA PHE A 238 -16.23 9.54 7.39
C PHE A 238 -17.17 10.20 6.41
N THR A 239 -17.61 11.43 6.70
CA THR A 239 -18.51 12.10 5.77
C THR A 239 -17.70 12.77 4.66
N GLN A 240 -16.40 12.93 4.89
CA GLN A 240 -15.52 13.51 3.90
C GLN A 240 -14.94 12.39 3.04
N LEU A 241 -14.90 11.19 3.61
CA LEU A 241 -14.41 10.02 2.90
C LEU A 241 -15.51 9.48 1.99
N LYS A 242 -16.68 9.26 2.57
CA LYS A 242 -17.83 8.76 1.82
C LYS A 242 -17.65 7.28 1.45
N GLU A 243 -16.66 6.97 0.63
CA GLU A 243 -16.41 5.59 0.23
C GLU A 243 -14.95 5.16 0.42
N PHE A 244 -14.77 3.85 0.62
CA PHE A 244 -13.46 3.25 0.83
C PHE A 244 -13.31 2.01 -0.08
N GLU A 245 -12.29 2.00 -0.92
CA GLU A 245 -12.05 0.89 -1.84
C GLU A 245 -13.24 0.61 -2.76
N GLY A 246 -14.20 1.53 -2.79
CA GLY A 246 -15.38 1.37 -3.64
C GLY A 246 -16.67 1.20 -2.85
N LYS A 247 -16.54 0.70 -1.63
CA LYS A 247 -17.70 0.49 -0.78
C LYS A 247 -18.11 1.82 -0.16
N THR A 248 -19.40 2.00 0.06
CA THR A 248 -19.89 3.25 0.64
C THR A 248 -20.05 3.11 2.15
N LEU A 249 -19.67 4.18 2.86
CA LEU A 249 -19.75 4.22 4.31
C LEU A 249 -21.19 4.55 4.68
N VAL A 250 -21.82 3.71 5.49
CA VAL A 250 -23.21 3.95 5.86
C VAL A 250 -23.44 3.96 7.37
N ASP A 251 -24.06 5.03 7.86
CA ASP A 251 -24.36 5.14 9.29
C ASP A 251 -25.67 4.40 9.53
N ILE A 252 -25.61 3.32 10.29
CA ILE A 252 -26.79 2.51 10.58
C ILE A 252 -27.88 3.22 11.37
N THR A 253 -27.49 4.01 12.37
CA THR A 253 -28.46 4.73 13.20
C THR A 253 -29.40 5.58 12.35
N LYS A 254 -28.90 6.07 11.21
CA LYS A 254 -29.71 6.87 10.32
C LYS A 254 -30.93 6.06 9.86
N ASP A 255 -30.71 5.12 8.94
CA ASP A 255 -31.79 4.29 8.41
C ASP A 255 -32.21 3.18 9.39
N PHE A 256 -32.49 3.52 10.56
N THR B 1 8.25 -34.12 11.23
CA THR B 1 6.76 -34.01 11.12
C THR B 1 6.34 -32.54 11.16
N LYS B 2 5.02 -32.31 11.21
CA LYS B 2 4.47 -30.95 11.26
C LYS B 2 4.79 -30.20 9.97
N PRO B 3 3.84 -30.16 9.02
CA PRO B 3 3.94 -29.48 7.72
C PRO B 3 4.42 -28.02 7.79
N LEU B 4 5.43 -27.71 6.98
CA LEU B 4 6.02 -26.37 6.94
C LEU B 4 5.02 -25.21 7.01
N TRP B 5 3.85 -25.38 6.40
CA TRP B 5 2.82 -24.33 6.38
C TRP B 5 2.04 -24.19 7.67
N THR B 6 2.14 -25.18 8.55
CA THR B 6 1.45 -25.09 9.82
C THR B 6 2.39 -24.40 10.82
N ARG B 7 3.68 -24.46 10.54
CA ARG B 7 4.66 -23.81 11.40
C ARG B 7 4.53 -22.30 11.22
N ASN B 8 5.08 -21.55 12.16
CA ASN B 8 5.02 -20.10 12.10
C ASN B 8 6.12 -19.60 11.18
N PRO B 9 5.79 -18.64 10.29
CA PRO B 9 6.76 -18.08 9.35
C PRO B 9 8.02 -17.49 9.98
N SER B 10 7.89 -16.94 11.20
CA SER B 10 9.03 -16.35 11.88
C SER B 10 9.98 -17.41 12.43
N ASP B 11 9.56 -18.67 12.34
CA ASP B 11 10.37 -19.79 12.82
C ASP B 11 10.83 -20.66 11.66
N ILE B 12 10.82 -20.09 10.45
CA ILE B 12 11.24 -20.80 9.25
C ILE B 12 12.29 -20.00 8.50
N THR B 13 13.34 -20.68 8.05
CA THR B 13 14.42 -20.03 7.33
C THR B 13 14.14 -20.01 5.84
N GLN B 14 14.66 -19.01 5.15
CA GLN B 14 14.44 -18.89 3.72
C GLN B 14 14.94 -20.14 3.01
N GLU B 15 16.01 -20.72 3.52
CA GLU B 15 16.55 -21.92 2.91
C GLU B 15 15.53 -23.06 2.98
N GLU B 16 14.66 -23.02 3.99
CA GLU B 16 13.62 -24.03 4.15
C GLU B 16 12.50 -23.73 3.16
N TYR B 17 12.16 -22.47 3.03
CA TYR B 17 11.12 -22.06 2.11
C TYR B 17 11.57 -22.41 0.70
N ASN B 18 12.86 -22.22 0.43
CA ASN B 18 13.40 -22.51 -0.89
C ASN B 18 13.28 -23.98 -1.23
N ALA B 19 13.88 -24.82 -0.41
CA ALA B 19 13.82 -26.25 -0.63
C ALA B 19 12.37 -26.63 -0.91
N PHE B 20 11.48 -26.26 0.02
CA PHE B 20 10.06 -26.55 -0.11
C PHE B 20 9.52 -26.17 -1.49
N TYR B 21 9.82 -24.94 -1.92
CA TYR B 21 9.38 -24.46 -3.22
C TYR B 21 9.96 -25.30 -4.36
N LYS B 22 11.24 -25.62 -4.27
CA LYS B 22 11.89 -26.43 -5.31
C LYS B 22 11.07 -27.70 -5.54
N SER B 23 10.73 -28.38 -4.45
CA SER B 23 9.96 -29.63 -4.44
C SER B 23 8.59 -29.62 -5.09
N ILE B 24 7.71 -28.73 -4.64
CA ILE B 24 6.36 -28.67 -5.17
C ILE B 24 6.27 -27.97 -6.49
N SER B 25 7.39 -27.46 -6.99
CA SER B 25 7.35 -26.78 -8.27
C SER B 25 8.30 -27.41 -9.29
N ASN B 26 9.25 -28.20 -8.82
CA ASN B 26 10.23 -28.84 -9.72
C ASN B 26 11.06 -27.77 -10.42
N ASP B 27 11.05 -26.56 -9.87
CA ASP B 27 11.82 -25.45 -10.42
C ASP B 27 13.23 -25.60 -9.87
N TRP B 28 14.25 -25.23 -10.62
CA TRP B 28 15.62 -25.35 -10.12
C TRP B 28 16.12 -24.05 -9.49
N GLU B 29 15.37 -22.97 -9.70
CA GLU B 29 15.72 -21.68 -9.15
C GLU B 29 14.94 -21.39 -7.89
N ASP B 30 15.57 -20.65 -6.97
CA ASP B 30 14.93 -20.24 -5.72
C ASP B 30 13.76 -19.36 -6.08
N PRO B 31 12.71 -19.32 -5.25
CA PRO B 31 11.57 -18.47 -5.56
C PRO B 31 11.88 -16.98 -5.46
N LEU B 32 11.19 -16.16 -6.27
CA LEU B 32 11.36 -14.70 -6.24
C LEU B 32 10.86 -14.21 -4.88
N TYR B 33 9.62 -14.54 -4.53
CA TYR B 33 9.06 -14.11 -3.25
C TYR B 33 8.23 -15.23 -2.59
N VAL B 34 8.19 -15.25 -1.26
CA VAL B 34 7.40 -16.23 -0.53
C VAL B 34 6.40 -15.48 0.34
N LYS B 35 5.16 -15.95 0.36
CA LYS B 35 4.09 -15.31 1.11
C LYS B 35 3.38 -16.35 1.97
N HIS B 36 3.80 -16.45 3.24
CA HIS B 36 3.23 -17.42 4.18
C HIS B 36 2.23 -16.74 5.13
N PHE B 37 0.95 -17.12 5.09
CA PHE B 37 -0.06 -16.48 5.95
C PHE B 37 -1.14 -17.40 6.51
N SER B 38 -1.97 -16.84 7.39
CA SER B 38 -3.07 -17.55 8.04
C SER B 38 -4.33 -16.69 8.08
N VAL B 39 -5.49 -17.34 8.20
CA VAL B 39 -6.78 -16.63 8.27
C VAL B 39 -7.65 -17.34 9.30
N GLU B 40 -7.92 -16.67 10.41
CA GLU B 40 -8.72 -17.25 11.46
C GLU B 40 -10.12 -16.64 11.48
N GLY B 41 -10.97 -17.16 12.34
CA GLY B 41 -12.32 -16.66 12.46
C GLY B 41 -13.30 -17.55 11.76
N GLN B 42 -14.20 -16.92 11.01
CA GLN B 42 -15.24 -17.62 10.26
C GLN B 42 -14.60 -18.60 9.29
N LEU B 43 -13.61 -18.10 8.55
CA LEU B 43 -12.89 -18.90 7.60
C LEU B 43 -11.53 -19.25 8.22
N GLU B 44 -11.11 -20.49 8.12
CA GLU B 44 -9.81 -20.89 8.65
C GLU B 44 -9.00 -21.75 7.69
N PHE B 45 -7.83 -21.27 7.32
CA PHE B 45 -6.93 -21.98 6.42
C PHE B 45 -5.55 -21.35 6.46
N ARG B 46 -4.55 -22.13 6.08
CA ARG B 46 -3.19 -21.65 6.04
C ARG B 46 -2.66 -21.79 4.61
N ALA B 47 -1.63 -21.04 4.27
CA ALA B 47 -1.10 -21.11 2.92
C ALA B 47 0.31 -20.59 2.78
N ILE B 48 1.01 -21.13 1.79
CA ILE B 48 2.36 -20.66 1.46
C ILE B 48 2.33 -20.54 -0.05
N LEU B 49 2.40 -19.30 -0.53
CA LEU B 49 2.38 -19.04 -1.95
C LEU B 49 3.72 -18.48 -2.40
N PHE B 50 4.22 -18.97 -3.52
CA PHE B 50 5.51 -18.55 -4.03
C PHE B 50 5.37 -17.89 -5.38
N ILE B 51 6.13 -16.82 -5.57
CA ILE B 51 6.14 -16.13 -6.84
C ILE B 51 7.45 -16.56 -7.48
N PRO B 52 7.40 -17.24 -8.64
CA PRO B 52 8.60 -17.69 -9.35
C PRO B 52 9.32 -16.47 -9.91
N LYS B 53 10.58 -16.59 -10.28
CA LYS B 53 11.24 -15.43 -10.86
C LYS B 53 11.24 -15.55 -12.36
N ARG B 54 10.60 -16.60 -12.85
CA ARG B 54 10.51 -16.86 -14.27
C ARG B 54 9.11 -17.28 -14.62
N ALA B 55 8.62 -16.86 -15.78
CA ALA B 55 7.27 -17.26 -16.18
C ALA B 55 7.33 -18.70 -16.65
N PRO B 56 6.23 -19.43 -16.47
CA PRO B 56 6.20 -20.82 -16.90
C PRO B 56 6.15 -20.93 -18.43
N PHE B 57 6.61 -22.05 -18.95
CA PHE B 57 6.59 -22.32 -20.39
C PHE B 57 6.07 -23.76 -20.48
N ASP B 58 5.48 -24.13 -21.62
CA ASP B 58 4.96 -25.49 -21.78
C ASP B 58 5.59 -26.24 -22.94
N LEU B 59 5.58 -27.58 -22.80
CA LEU B 59 6.13 -28.50 -23.82
C LEU B 59 5.78 -29.94 -23.44
N ILE B 69 -0.96 -25.28 -7.42
CA ILE B 69 -1.27 -25.13 -6.00
C ILE B 69 -1.82 -26.40 -5.38
N LYS B 70 -1.18 -26.84 -4.30
CA LYS B 70 -1.61 -28.03 -3.62
C LYS B 70 -2.66 -27.69 -2.57
N LEU B 71 -3.85 -28.27 -2.73
CA LEU B 71 -4.95 -28.05 -1.83
C LEU B 71 -5.04 -29.15 -0.80
N TYR B 72 -4.96 -28.77 0.47
CA TYR B 72 -5.08 -29.75 1.53
C TYR B 72 -6.33 -29.38 2.31
N VAL B 73 -6.83 -30.34 3.06
CA VAL B 73 -8.00 -30.11 3.88
C VAL B 73 -7.75 -30.85 5.18
N ARG B 74 -7.59 -30.08 6.25
CA ARG B 74 -7.30 -30.63 7.57
C ARG B 74 -6.10 -31.58 7.43
N ARG B 75 -5.04 -31.03 6.85
CA ARG B 75 -3.79 -31.73 6.62
C ARG B 75 -3.81 -32.90 5.64
N VAL B 76 -4.96 -33.19 5.03
CA VAL B 76 -5.03 -34.29 4.06
C VAL B 76 -4.99 -33.78 2.63
N PHE B 77 -3.96 -34.17 1.88
CA PHE B 77 -3.85 -33.72 0.51
C PHE B 77 -5.09 -34.15 -0.24
N ILE B 78 -5.58 -33.30 -1.14
CA ILE B 78 -6.79 -33.63 -1.88
C ILE B 78 -6.60 -33.58 -3.38
N THR B 79 -5.92 -32.53 -3.85
CA THR B 79 -5.70 -32.34 -5.27
C THR B 79 -4.74 -31.18 -5.53
N ASP B 80 -4.33 -31.05 -6.78
CA ASP B 80 -3.42 -30.00 -7.19
C ASP B 80 -4.02 -29.36 -8.42
N GLU B 81 -5.34 -29.53 -8.59
CA GLU B 81 -6.05 -29.00 -9.74
C GLU B 81 -7.40 -28.38 -9.42
N ALA B 82 -7.48 -27.64 -8.32
CA ALA B 82 -8.70 -26.97 -7.93
C ALA B 82 -8.68 -25.68 -8.74
N GLU B 83 -9.52 -25.60 -9.76
CA GLU B 83 -9.52 -24.40 -10.61
C GLU B 83 -9.86 -23.08 -9.94
N ASP B 84 -11.12 -22.93 -9.53
CA ASP B 84 -11.59 -21.67 -8.93
C ASP B 84 -11.12 -21.33 -7.51
N LEU B 85 -9.90 -21.77 -7.19
CA LEU B 85 -9.26 -21.53 -5.91
C LEU B 85 -8.51 -20.20 -6.07
N ILE B 86 -8.14 -19.90 -7.30
CA ILE B 86 -7.42 -18.68 -7.62
C ILE B 86 -7.75 -18.28 -9.05
N PRO B 87 -7.92 -16.98 -9.32
CA PRO B 87 -8.23 -16.55 -10.69
C PRO B 87 -7.18 -16.96 -11.71
N GLU B 88 -7.64 -17.11 -12.96
CA GLU B 88 -6.79 -17.49 -14.07
C GLU B 88 -5.56 -16.58 -14.30
N TRP B 89 -5.65 -15.29 -13.99
CA TRP B 89 -4.49 -14.46 -14.22
C TRP B 89 -3.41 -14.62 -13.15
N LEU B 90 -3.71 -15.33 -12.07
CA LEU B 90 -2.71 -15.55 -11.02
C LEU B 90 -2.20 -16.99 -11.03
N SER B 91 -2.60 -17.75 -12.04
CA SER B 91 -2.22 -19.15 -12.17
C SER B 91 -0.73 -19.45 -12.10
N PHE B 92 0.11 -18.43 -12.27
CA PHE B 92 1.55 -18.66 -12.18
C PHE B 92 1.98 -18.88 -10.73
N VAL B 93 1.15 -18.47 -9.79
CA VAL B 93 1.47 -18.63 -8.37
C VAL B 93 1.55 -20.11 -8.00
N LYS B 94 2.54 -20.47 -7.19
CA LYS B 94 2.74 -21.86 -6.76
C LYS B 94 2.71 -21.91 -5.23
N GLY B 95 2.48 -23.10 -4.68
CA GLY B 95 2.43 -23.20 -3.22
C GLY B 95 1.39 -24.15 -2.67
N VAL B 96 1.02 -23.92 -1.42
CA VAL B 96 0.06 -24.78 -0.72
C VAL B 96 -1.05 -24.03 0.02
N VAL B 97 -2.22 -24.66 0.10
CA VAL B 97 -3.36 -24.09 0.81
C VAL B 97 -4.01 -25.21 1.58
N ASP B 98 -4.30 -24.94 2.85
CA ASP B 98 -4.87 -25.95 3.72
C ASP B 98 -6.09 -25.43 4.48
N SER B 99 -7.27 -25.83 4.03
CA SER B 99 -8.54 -25.43 4.60
C SER B 99 -9.09 -26.30 5.73
N GLU B 100 -9.69 -25.67 6.72
CA GLU B 100 -10.27 -26.41 7.84
C GLU B 100 -11.77 -26.38 7.75
N ASP B 101 -12.29 -25.81 6.68
CA ASP B 101 -13.73 -25.70 6.51
C ASP B 101 -14.34 -26.56 5.43
N LEU B 102 -13.53 -26.96 4.46
CA LEU B 102 -14.01 -27.77 3.36
C LEU B 102 -14.40 -29.20 3.77
N PRO B 103 -15.37 -29.82 3.08
CA PRO B 103 -15.87 -31.18 3.35
C PRO B 103 -14.89 -32.35 3.19
N LEU B 104 -13.69 -32.07 2.70
CA LEU B 104 -12.63 -33.09 2.53
C LEU B 104 -12.83 -34.13 1.42
N ASN B 105 -14.02 -34.67 1.27
CA ASN B 105 -14.28 -35.65 0.20
C ASN B 105 -14.60 -34.88 -1.07
N LEU B 106 -13.91 -33.76 -1.24
CA LEU B 106 -14.07 -32.89 -2.39
C LEU B 106 -13.75 -33.62 -3.69
N SER B 107 -14.54 -33.32 -4.72
CA SER B 107 -14.34 -33.90 -6.04
C SER B 107 -14.62 -32.78 -7.03
N ARG B 108 -14.05 -32.89 -8.23
CA ARG B 108 -14.24 -31.87 -9.26
C ARG B 108 -15.74 -31.73 -9.52
N GLU B 109 -16.42 -32.86 -9.68
CA GLU B 109 -17.85 -32.86 -9.91
C GLU B 109 -18.55 -32.06 -8.83
N MET B 110 -18.17 -32.30 -7.57
CA MET B 110 -18.75 -31.60 -6.43
C MET B 110 -18.52 -30.08 -6.51
N LEU B 111 -17.26 -29.68 -6.55
CA LEU B 111 -16.93 -28.26 -6.62
C LEU B 111 -17.61 -27.58 -7.80
N GLN B 112 -17.91 -28.34 -8.85
CA GLN B 112 -18.56 -27.79 -10.04
C GLN B 112 -20.08 -27.94 -10.05
N GLN B 113 -20.63 -28.42 -8.93
CA GLN B 113 -22.08 -28.58 -8.76
C GLN B 113 -22.50 -27.74 -7.54
N ASN B 114 -21.50 -27.10 -6.93
CA ASN B 114 -21.68 -26.23 -5.77
C ASN B 114 -20.38 -25.47 -5.51
N LYS B 115 -20.38 -24.21 -5.94
CA LYS B 115 -19.22 -23.32 -5.80
C LYS B 115 -19.00 -22.92 -4.35
N ILE B 116 -18.02 -23.55 -3.72
CA ILE B 116 -17.68 -23.26 -2.34
C ILE B 116 -16.61 -22.18 -2.26
N MET B 117 -15.36 -22.62 -2.34
CA MET B 117 -14.13 -21.82 -2.28
C MET B 117 -14.05 -20.34 -2.62
N LYS B 118 -15.17 -19.65 -2.78
CA LYS B 118 -15.15 -18.24 -3.10
C LYS B 118 -14.47 -17.41 -2.02
N VAL B 119 -14.81 -17.60 -0.76
CA VAL B 119 -14.16 -16.77 0.26
C VAL B 119 -12.67 -17.02 0.36
N ILE B 120 -12.24 -18.26 0.13
CA ILE B 120 -10.82 -18.58 0.19
C ILE B 120 -10.09 -17.85 -0.94
N ARG B 121 -10.67 -17.93 -2.15
CA ARG B 121 -10.11 -17.28 -3.32
C ARG B 121 -10.02 -15.78 -3.08
N LYS B 122 -11.04 -15.20 -2.46
CA LYS B 122 -11.02 -13.78 -2.18
C LYS B 122 -9.82 -13.42 -1.29
N ASN B 123 -9.54 -14.23 -0.28
CA ASN B 123 -8.42 -13.94 0.59
C ASN B 123 -7.08 -14.15 -0.08
N ILE B 124 -6.98 -15.22 -0.86
CA ILE B 124 -5.74 -15.50 -1.55
C ILE B 124 -5.32 -14.29 -2.37
N VAL B 125 -6.12 -13.89 -3.37
CA VAL B 125 -5.72 -12.75 -4.18
C VAL B 125 -5.45 -11.49 -3.36
N LYS B 126 -6.13 -11.33 -2.22
CA LYS B 126 -5.88 -10.17 -1.35
C LYS B 126 -4.45 -10.24 -0.85
N LYS B 127 -4.07 -11.42 -0.36
CA LYS B 127 -2.72 -11.63 0.15
C LYS B 127 -1.69 -11.55 -0.98
N LEU B 128 -2.07 -11.93 -2.19
CA LEU B 128 -1.12 -11.84 -3.28
C LEU B 128 -0.92 -10.38 -3.64
N ILE B 129 -1.96 -9.58 -3.47
CA ILE B 129 -1.80 -8.16 -3.75
C ILE B 129 -0.82 -7.58 -2.70
N GLU B 130 -0.92 -8.02 -1.44
CA GLU B 130 0.01 -7.53 -0.43
C GLU B 130 1.43 -7.91 -0.83
N ALA B 131 1.60 -9.17 -1.22
CA ALA B 131 2.89 -9.69 -1.62
C ALA B 131 3.48 -8.89 -2.76
N PHE B 132 2.67 -8.58 -3.78
CA PHE B 132 3.19 -7.81 -4.89
C PHE B 132 3.60 -6.45 -4.38
N ASN B 133 2.76 -5.81 -3.56
CA ASN B 133 3.10 -4.50 -3.02
C ASN B 133 4.43 -4.59 -2.27
N GLU B 134 4.62 -5.69 -1.55
CA GLU B 134 5.84 -5.90 -0.78
C GLU B 134 7.01 -5.95 -1.74
N ILE B 135 6.89 -6.75 -2.78
CA ILE B 135 7.96 -6.85 -3.77
C ILE B 135 8.23 -5.47 -4.38
N ALA B 136 7.19 -4.66 -4.54
CA ALA B 136 7.31 -3.32 -5.11
C ALA B 136 8.27 -2.39 -4.36
N GLU B 137 8.45 -2.63 -3.06
CA GLU B 137 9.35 -1.84 -2.23
C GLU B 137 10.78 -1.90 -2.75
N ASP B 138 11.12 -3.00 -3.41
CA ASP B 138 12.47 -3.17 -3.95
C ASP B 138 12.42 -3.07 -5.48
N SER B 139 12.60 -1.86 -6.00
CA SER B 139 12.53 -1.60 -7.43
C SER B 139 13.23 -2.64 -8.32
N GLU B 140 14.39 -3.12 -7.88
CA GLU B 140 15.13 -4.09 -8.68
C GLU B 140 14.42 -5.44 -8.78
N GLN B 141 13.92 -5.93 -7.65
CA GLN B 141 13.21 -7.20 -7.64
C GLN B 141 11.91 -7.06 -8.40
N PHE B 142 11.19 -5.96 -8.16
CA PHE B 142 9.93 -5.76 -8.83
C PHE B 142 10.13 -5.78 -10.32
N GLU B 143 11.24 -5.20 -10.78
CA GLU B 143 11.50 -5.19 -12.22
C GLU B 143 11.59 -6.62 -12.76
N LYS B 144 12.19 -7.51 -11.97
CA LYS B 144 12.32 -8.90 -12.37
C LYS B 144 10.93 -9.52 -12.35
N PHE B 145 10.08 -9.04 -11.44
CA PHE B 145 8.72 -9.54 -11.29
C PHE B 145 7.81 -9.04 -12.41
N TYR B 146 8.03 -7.79 -12.79
CA TYR B 146 7.24 -7.17 -13.82
C TYR B 146 7.73 -7.64 -15.18
N SER B 147 8.98 -8.09 -15.22
CA SER B 147 9.55 -8.57 -16.44
C SER B 147 8.99 -9.95 -16.75
N ALA B 148 8.49 -10.62 -15.73
CA ALA B 148 7.95 -11.95 -15.94
C ALA B 148 6.44 -12.02 -15.93
N PHE B 149 5.79 -11.15 -15.16
CA PHE B 149 4.34 -11.24 -15.08
C PHE B 149 3.54 -9.97 -15.31
N SER B 150 4.16 -8.95 -15.89
CA SER B 150 3.44 -7.71 -16.18
C SER B 150 2.16 -8.06 -16.95
N LYS B 151 2.25 -9.07 -17.82
CA LYS B 151 1.11 -9.52 -18.62
C LYS B 151 -0.02 -9.99 -17.71
N ASN B 152 0.35 -10.65 -16.61
CA ASN B 152 -0.64 -11.14 -15.66
C ASN B 152 -1.26 -9.96 -14.90
N ILE B 153 -0.48 -8.93 -14.61
CA ILE B 153 -1.01 -7.76 -13.91
C ILE B 153 -2.02 -7.02 -14.80
N LYS B 154 -1.59 -6.60 -15.99
CA LYS B 154 -2.47 -5.91 -16.94
C LYS B 154 -3.78 -6.67 -17.10
N LEU B 155 -3.72 -8.01 -17.09
CA LEU B 155 -4.94 -8.81 -17.23
C LEU B 155 -5.82 -8.66 -15.99
N GLY B 156 -5.19 -8.63 -14.82
CA GLY B 156 -5.93 -8.48 -13.58
C GLY B 156 -6.57 -7.11 -13.47
N VAL B 157 -5.89 -6.10 -13.98
CA VAL B 157 -6.46 -4.77 -13.90
C VAL B 157 -7.74 -4.78 -14.70
N HIS B 158 -7.72 -5.56 -15.79
CA HIS B 158 -8.88 -5.69 -16.65
C HIS B 158 -10.01 -6.55 -16.08
N GLU B 159 -9.69 -7.80 -15.73
CA GLU B 159 -10.68 -8.73 -15.19
C GLU B 159 -11.21 -8.43 -13.80
N ASP B 160 -10.32 -8.02 -12.90
CA ASP B 160 -10.71 -7.74 -11.52
C ASP B 160 -11.13 -6.31 -11.24
N THR B 161 -12.43 -6.05 -11.16
CA THR B 161 -12.91 -4.71 -10.88
C THR B 161 -12.79 -4.34 -9.40
N GLN B 162 -13.05 -5.32 -8.53
CA GLN B 162 -12.99 -5.10 -7.09
C GLN B 162 -11.59 -4.66 -6.65
N ASN B 163 -10.55 -5.21 -7.27
CA ASN B 163 -9.18 -4.86 -6.91
C ASN B 163 -8.48 -4.01 -7.97
N ARG B 164 -9.22 -3.50 -8.95
CA ARG B 164 -8.63 -2.71 -10.03
C ARG B 164 -7.76 -1.55 -9.53
N ALA B 165 -8.27 -0.74 -8.61
CA ALA B 165 -7.48 0.38 -8.08
C ALA B 165 -6.12 -0.10 -7.57
N ALA B 166 -6.13 -1.05 -6.65
CA ALA B 166 -4.89 -1.58 -6.12
C ALA B 166 -3.98 -2.12 -7.21
N LEU B 167 -4.46 -3.04 -8.05
CA LEU B 167 -3.63 -3.62 -9.11
C LEU B 167 -3.02 -2.59 -10.06
N ALA B 168 -3.75 -1.49 -10.27
CA ALA B 168 -3.29 -0.43 -11.14
C ALA B 168 -2.00 0.19 -10.61
N LYS B 169 -1.83 0.15 -9.28
CA LYS B 169 -0.64 0.71 -8.67
C LYS B 169 0.58 -0.15 -8.93
N LEU B 170 0.36 -1.32 -9.52
CA LEU B 170 1.45 -2.24 -9.85
C LEU B 170 1.88 -2.10 -11.32
N LEU B 171 1.22 -1.21 -12.06
CA LEU B 171 1.53 -0.99 -13.46
C LEU B 171 2.80 -0.16 -13.59
N ARG B 172 3.60 -0.44 -14.61
CA ARG B 172 4.83 0.29 -14.80
C ARG B 172 4.96 0.66 -16.28
N TYR B 173 5.49 1.85 -16.57
CA TYR B 173 5.67 2.32 -17.95
C TYR B 173 6.87 3.25 -18.08
N ASN B 174 7.28 3.53 -19.32
CA ASN B 174 8.38 4.46 -19.55
C ASN B 174 7.75 5.81 -19.77
N SER B 175 8.54 6.88 -19.66
CA SER B 175 8.00 8.22 -19.86
C SER B 175 9.01 9.24 -20.36
N THR B 176 8.58 10.49 -20.39
CA THR B 176 9.39 11.61 -20.83
C THR B 176 10.30 12.05 -19.69
N LYS B 177 10.10 11.46 -18.52
CA LYS B 177 10.92 11.76 -17.34
C LYS B 177 11.33 10.44 -16.68
N SER B 178 11.38 9.39 -17.48
CA SER B 178 11.75 8.05 -17.03
C SER B 178 12.05 7.24 -18.30
N VAL B 179 13.30 7.32 -18.76
CA VAL B 179 13.70 6.65 -20.00
C VAL B 179 14.37 5.28 -19.86
N ASP B 180 15.41 5.20 -19.04
CA ASP B 180 16.11 3.91 -18.90
C ASP B 180 15.57 3.07 -17.74
N GLU B 181 14.46 3.52 -17.17
CA GLU B 181 13.83 2.82 -16.05
C GLU B 181 12.33 2.97 -16.11
N LEU B 182 11.61 2.00 -15.56
CA LEU B 182 10.16 2.04 -15.56
C LEU B 182 9.65 2.86 -14.38
N THR B 183 8.49 3.49 -14.54
CA THR B 183 7.90 4.29 -13.48
C THR B 183 6.46 3.86 -13.18
N SER B 184 6.08 3.96 -11.92
CA SER B 184 4.73 3.61 -11.53
C SER B 184 3.90 4.87 -11.68
N LEU B 185 2.58 4.70 -11.62
CA LEU B 185 1.68 5.83 -11.73
C LEU B 185 1.77 6.72 -10.49
N THR B 186 2.00 6.10 -9.33
CA THR B 186 2.11 6.86 -8.09
C THR B 186 3.30 7.83 -8.12
N ASP B 187 4.43 7.39 -8.65
CA ASP B 187 5.60 8.25 -8.71
C ASP B 187 5.44 9.31 -9.80
N TYR B 188 4.47 9.11 -10.69
CA TYR B 188 4.20 10.06 -11.77
C TYR B 188 3.39 11.20 -11.21
N VAL B 189 2.41 10.86 -10.38
CA VAL B 189 1.56 11.87 -9.77
C VAL B 189 2.41 12.80 -8.90
N THR B 190 3.41 12.25 -8.24
CA THR B 190 4.29 13.03 -7.37
C THR B 190 5.17 14.01 -8.14
N ARG B 191 5.60 13.64 -9.35
CA ARG B 191 6.46 14.52 -10.13
C ARG B 191 5.67 15.64 -10.79
N MET B 192 4.36 15.62 -10.63
CA MET B 192 3.53 16.65 -11.26
C MET B 192 3.57 17.98 -10.51
N PRO B 193 3.66 19.09 -11.26
CA PRO B 193 3.69 20.41 -10.63
C PRO B 193 2.32 20.67 -10.02
N GLU B 194 2.20 21.75 -9.26
CA GLU B 194 0.94 22.09 -8.59
C GLU B 194 -0.22 22.36 -9.54
N HIS B 195 0.06 22.84 -10.75
CA HIS B 195 -1.02 23.14 -11.69
C HIS B 195 -1.47 21.97 -12.58
N GLN B 196 -0.57 21.05 -12.88
CA GLN B 196 -0.94 19.91 -13.73
C GLN B 196 -2.16 19.22 -13.14
N LYS B 197 -3.20 19.06 -13.97
CA LYS B 197 -4.46 18.45 -13.53
C LYS B 197 -4.63 17.00 -14.00
N ASN B 198 -4.17 16.70 -15.21
CA ASN B 198 -4.32 15.36 -15.79
C ASN B 198 -3.00 14.60 -15.95
N ILE B 199 -3.12 13.28 -16.08
CA ILE B 199 -1.97 12.42 -16.29
C ILE B 199 -1.93 12.12 -17.78
N TYR B 200 -0.91 12.61 -18.48
CA TYR B 200 -0.81 12.39 -19.91
C TYR B 200 0.01 11.17 -20.32
N TYR B 201 -0.52 10.45 -21.30
CA TYR B 201 0.13 9.25 -21.83
C TYR B 201 -0.10 9.26 -23.34
N ILE B 202 0.68 8.46 -24.05
CA ILE B 202 0.56 8.39 -25.50
C ILE B 202 0.73 6.95 -25.96
N THR B 203 -0.05 6.53 -26.94
CA THR B 203 0.01 5.16 -27.44
C THR B 203 0.69 5.06 -28.81
N GLY B 204 0.82 3.82 -29.28
CA GLY B 204 1.45 3.58 -30.57
C GLY B 204 1.78 2.12 -30.70
N GLU B 205 2.62 1.75 -31.67
CA GLU B 205 2.96 0.35 -31.83
C GLU B 205 4.28 -0.02 -31.16
N SER B 206 5.19 0.95 -31.06
CA SER B 206 6.47 0.69 -30.44
C SER B 206 6.90 1.85 -29.58
N LEU B 207 7.92 1.62 -28.77
CA LEU B 207 8.46 2.65 -27.89
C LEU B 207 9.17 3.66 -28.78
N LYS B 208 10.01 3.16 -29.68
CA LYS B 208 10.77 3.99 -30.61
C LYS B 208 9.85 4.96 -31.34
N ALA B 209 8.85 4.41 -32.00
CA ALA B 209 7.89 5.19 -32.75
C ALA B 209 7.23 6.28 -31.92
N VAL B 210 6.76 5.93 -30.73
CA VAL B 210 6.09 6.88 -29.86
C VAL B 210 7.02 7.83 -29.10
N GLU B 211 8.21 7.35 -28.75
CA GLU B 211 9.17 8.17 -28.01
C GLU B 211 9.79 9.22 -28.91
N LYS B 212 9.20 9.40 -30.09
CA LYS B 212 9.69 10.38 -31.06
C LYS B 212 8.53 11.09 -31.73
N SER B 213 7.33 10.93 -31.18
CA SER B 213 6.14 11.57 -31.73
C SER B 213 6.23 13.10 -31.59
N PRO B 214 5.63 13.82 -32.55
CA PRO B 214 5.63 15.29 -32.55
C PRO B 214 4.63 15.89 -31.58
N PHE B 215 3.55 15.16 -31.34
CA PHE B 215 2.50 15.62 -30.43
C PHE B 215 3.06 15.80 -29.03
N LEU B 216 4.18 15.15 -28.75
CA LEU B 216 4.83 15.25 -27.45
C LEU B 216 5.36 16.66 -27.20
N ASP B 217 5.84 17.31 -28.26
CA ASP B 217 6.39 18.65 -28.18
C ASP B 217 5.55 19.62 -27.32
N ALA B 218 4.25 19.68 -27.61
CA ALA B 218 3.35 20.56 -26.88
C ALA B 218 3.44 20.34 -25.37
N LEU B 219 3.78 19.12 -24.96
CA LEU B 219 3.89 18.80 -23.54
C LEU B 219 5.36 18.79 -23.08
N LYS B 220 6.23 18.14 -23.84
CA LYS B 220 7.65 18.07 -23.49
C LYS B 220 8.17 19.45 -23.14
N ALA B 221 7.58 20.47 -23.77
CA ALA B 221 7.96 21.86 -23.50
C ALA B 221 6.84 22.50 -22.70
N LYS B 222 6.62 21.97 -21.51
CA LYS B 222 5.59 22.44 -20.58
C LYS B 222 5.94 21.76 -19.26
N ASN B 223 6.98 20.93 -19.35
CA ASN B 223 7.51 20.14 -18.23
C ASN B 223 6.49 19.15 -17.68
N PHE B 224 5.56 18.73 -18.53
CA PHE B 224 4.54 17.76 -18.17
C PHE B 224 5.03 16.39 -18.62
N GLU B 225 5.10 15.45 -17.70
CA GLU B 225 5.57 14.10 -18.02
C GLU B 225 4.52 13.32 -18.82
N VAL B 226 4.99 12.46 -19.72
CA VAL B 226 4.07 11.66 -20.54
C VAL B 226 4.44 10.17 -20.51
N LEU B 227 3.45 9.33 -20.25
CA LEU B 227 3.64 7.88 -20.20
C LEU B 227 3.64 7.26 -21.60
N PHE B 228 4.41 6.20 -21.79
CA PHE B 228 4.45 5.54 -23.10
C PHE B 228 3.77 4.17 -23.03
N LEU B 229 2.55 4.08 -23.56
CA LEU B 229 1.82 2.82 -23.58
C LEU B 229 1.90 2.25 -24.99
N THR B 230 2.14 0.94 -25.09
CA THR B 230 2.24 0.29 -26.38
C THR B 230 1.40 -0.99 -26.46
N ASP B 231 1.11 -1.57 -25.31
CA ASP B 231 0.33 -2.79 -25.26
C ASP B 231 -1.16 -2.47 -25.28
N PRO B 232 -1.90 -3.06 -26.24
CA PRO B 232 -3.33 -2.79 -26.33
C PRO B 232 -4.06 -2.99 -24.99
N ILE B 233 -3.61 -3.97 -24.21
CA ILE B 233 -4.24 -4.22 -22.93
C ILE B 233 -4.05 -3.03 -21.99
N ASP B 234 -2.90 -2.37 -22.09
CA ASP B 234 -2.63 -1.18 -21.25
C ASP B 234 -3.54 -0.04 -21.67
N GLU B 235 -3.60 0.21 -22.98
CA GLU B 235 -4.43 1.28 -23.55
C GLU B 235 -5.88 0.98 -23.24
N TYR B 236 -6.21 -0.30 -23.18
CA TYR B 236 -7.57 -0.74 -22.90
C TYR B 236 -7.83 -0.59 -21.40
N ALA B 237 -6.86 -1.00 -20.59
CA ALA B 237 -6.99 -0.88 -19.13
C ALA B 237 -7.20 0.58 -18.76
N PHE B 238 -6.47 1.47 -19.42
CA PHE B 238 -6.58 2.89 -19.14
C PHE B 238 -7.97 3.44 -19.39
N THR B 239 -8.64 2.97 -20.44
CA THR B 239 -9.99 3.46 -20.71
C THR B 239 -10.96 2.88 -19.67
N GLN B 240 -10.59 1.74 -19.08
CA GLN B 240 -11.42 1.10 -18.04
C GLN B 240 -11.14 1.69 -16.67
N LEU B 241 -9.94 2.23 -16.50
CA LEU B 241 -9.52 2.83 -15.25
C LEU B 241 -10.05 4.27 -15.22
N LYS B 242 -9.88 4.96 -16.34
CA LYS B 242 -10.31 6.34 -16.54
C LYS B 242 -9.51 7.35 -15.72
N GLU B 243 -9.45 7.15 -14.41
CA GLU B 243 -8.73 8.04 -13.50
C GLU B 243 -7.83 7.28 -12.53
N PHE B 244 -6.74 7.92 -12.12
CA PHE B 244 -5.80 7.34 -11.17
C PHE B 244 -5.52 8.37 -10.05
N GLU B 245 -5.85 8.00 -8.82
CA GLU B 245 -5.69 8.87 -7.65
C GLU B 245 -6.42 10.20 -7.88
N GLY B 246 -7.70 10.11 -8.20
CA GLY B 246 -8.51 11.29 -8.44
C GLY B 246 -8.16 12.12 -9.66
N LYS B 247 -7.21 11.64 -10.46
CA LYS B 247 -6.80 12.38 -11.65
C LYS B 247 -7.13 11.65 -12.95
N THR B 248 -7.54 12.41 -13.95
CA THR B 248 -7.94 11.88 -15.25
C THR B 248 -6.77 11.51 -16.15
N LEU B 249 -6.87 10.34 -16.79
CA LEU B 249 -5.84 9.88 -17.71
C LEU B 249 -6.14 10.54 -19.06
N VAL B 250 -5.13 11.05 -19.75
CA VAL B 250 -5.35 11.71 -21.03
C VAL B 250 -4.41 11.29 -22.15
N ASP B 251 -5.01 10.86 -23.26
CA ASP B 251 -4.27 10.42 -24.45
C ASP B 251 -4.03 11.65 -25.31
N ILE B 252 -2.86 12.27 -25.15
CA ILE B 252 -2.51 13.47 -25.92
C ILE B 252 -2.85 13.39 -27.41
N THR B 253 -2.85 12.19 -27.99
CA THR B 253 -3.16 12.05 -29.41
C THR B 253 -4.63 12.33 -29.71
N LYS B 254 -5.39 12.71 -28.68
CA LYS B 254 -6.81 13.01 -28.86
C LYS B 254 -7.11 14.52 -28.97
N ASP B 255 -7.86 15.09 -28.02
CA ASP B 255 -8.18 16.52 -28.12
C ASP B 255 -7.10 17.53 -27.71
N PHE B 256 -7.55 18.68 -27.22
CA PHE B 256 -6.71 19.79 -26.77
C PHE B 256 -5.55 20.08 -27.75
CD CD C . 7.29 -3.95 3.58
CD CD D . -2.32 -5.93 20.70
CD CD E . -20.25 11.66 18.39
CD CD F . -9.73 21.67 9.02
CD CD G . 23.36 22.89 -8.08
MG MG H . 19.98 1.33 22.49
CD CD I . 16.97 -1.78 -13.62
#